data_2DRY
#
_entry.id   2DRY
#
_cell.length_a   40.151
_cell.length_b   89.562
_cell.length_c   41.670
_cell.angle_alpha   90.00
_cell.angle_beta   116.39
_cell.angle_gamma   90.00
#
_symmetry.space_group_name_H-M   'P 1 21 1'
#
loop_
_entity.id
_entity.type
_entity.pdbx_description
1 polymer '29-kDa galactose-binding lectin'
2 non-polymer 'SULFATE ION'
3 non-polymer 'TRIETHYLENE GLYCOL'
4 water water
#
_entity_poly.entity_id   1
_entity_poly.type   'polypeptide(L)'
_entity_poly.pdbx_seq_one_letter_code
;PKFFYIKSELNGKVLDIGGQNPAPGSKIITWDQKKGPTAVNQLWYTDQQGVIRSKLNDFAIDASHEQIETQPFDPNNPKR
AWIVSGNTIAQLSDRDNVLGVIKSDKGASAHICAWKQHGGPNQKFIIESE
;
_entity_poly.pdbx_strand_id   A,B
#
loop_
_chem_comp.id
_chem_comp.type
_chem_comp.name
_chem_comp.formula
PGE non-polymer 'TRIETHYLENE GLYCOL' 'C6 H14 O4'
SO4 non-polymer 'SULFATE ION' 'O4 S -2'
#
# COMPACT_ATOMS: atom_id res chain seq x y z
N PRO A 1 23.90 -0.81 -8.86
CA PRO A 1 23.08 -1.28 -9.99
C PRO A 1 22.46 -0.13 -10.80
N LYS A 2 21.14 -0.18 -10.98
CA LYS A 2 20.41 0.84 -11.73
C LYS A 2 19.89 1.96 -10.83
N PHE A 3 20.34 3.18 -11.09
CA PHE A 3 19.91 4.34 -10.30
C PHE A 3 19.16 5.31 -11.19
N PHE A 4 18.38 6.20 -10.57
CA PHE A 4 17.60 7.17 -11.34
C PHE A 4 17.23 8.40 -10.53
N TYR A 5 16.86 9.47 -11.22
CA TYR A 5 16.44 10.70 -10.57
C TYR A 5 14.91 10.74 -10.57
N ILE A 6 14.34 11.47 -9.62
CA ILE A 6 12.90 11.63 -9.55
C ILE A 6 12.67 13.11 -9.76
N LYS A 7 12.22 13.46 -10.97
CA LYS A 7 12.01 14.86 -11.33
C LYS A 7 10.55 15.30 -11.24
N SER A 8 10.34 16.46 -10.62
CA SER A 8 9.01 17.02 -10.45
C SER A 8 8.48 17.71 -11.70
N GLU A 9 7.23 17.40 -12.06
CA GLU A 9 6.62 18.03 -13.23
C GLU A 9 6.13 19.42 -12.84
N LEU A 10 6.40 19.82 -11.60
CA LEU A 10 6.00 21.13 -11.14
C LEU A 10 7.11 22.14 -11.40
N ASN A 11 8.28 21.92 -10.79
CA ASN A 11 9.40 22.84 -10.96
C ASN A 11 10.59 22.28 -11.73
N GLY A 12 10.45 21.08 -12.26
CA GLY A 12 11.54 20.49 -13.02
C GLY A 12 12.77 20.15 -12.21
N LYS A 13 12.67 20.30 -10.88
CA LYS A 13 13.80 19.98 -10.00
C LYS A 13 13.63 18.52 -9.58
N VAL A 14 14.64 17.97 -8.92
CA VAL A 14 14.61 16.57 -8.52
C VAL A 14 14.65 16.33 -7.01
N LEU A 15 14.09 15.20 -6.57
CA LEU A 15 14.09 14.87 -5.16
C LEU A 15 15.54 14.82 -4.74
N ASP A 16 15.82 15.45 -3.60
CA ASP A 16 17.17 15.61 -3.09
C ASP A 16 17.16 15.56 -1.56
N ILE A 17 18.07 14.79 -0.97
CA ILE A 17 18.16 14.72 0.49
C ILE A 17 18.92 15.96 0.92
N GLY A 18 18.20 16.91 1.52
CA GLY A 18 18.77 18.16 1.95
C GLY A 18 20.14 18.17 2.60
N GLY A 19 21.01 19.03 2.09
CA GLY A 19 22.36 19.14 2.64
C GLY A 19 23.17 17.87 2.52
N GLN A 20 22.71 16.93 1.70
CA GLN A 20 23.39 15.66 1.53
C GLN A 20 23.56 14.97 2.87
N ASN A 21 22.65 15.27 3.79
CA ASN A 21 22.68 14.69 5.13
C ASN A 21 22.38 13.19 5.06
N PRO A 22 23.34 12.34 5.48
CA PRO A 22 23.20 10.89 5.46
C PRO A 22 22.44 10.34 6.66
N ALA A 23 22.20 11.21 7.63
CA ALA A 23 21.50 10.80 8.84
C ALA A 23 20.02 10.58 8.60
N PRO A 24 19.43 9.61 9.33
CA PRO A 24 18.01 9.36 9.15
C PRO A 24 17.21 10.55 9.66
N GLY A 25 16.02 10.76 9.12
CA GLY A 25 15.19 11.88 9.54
C GLY A 25 15.48 13.12 8.72
N SER A 26 16.38 13.01 7.76
CA SER A 26 16.74 14.14 6.92
C SER A 26 15.62 14.44 5.93
N LYS A 27 15.28 15.71 5.77
CA LYS A 27 14.20 16.09 4.87
C LYS A 27 14.59 15.96 3.41
N ILE A 28 13.59 15.64 2.60
CA ILE A 28 13.76 15.50 1.17
C ILE A 28 13.12 16.71 0.51
N ILE A 29 13.90 17.43 -0.29
CA ILE A 29 13.44 18.64 -0.97
C ILE A 29 13.61 18.41 -2.46
N THR A 30 13.30 19.44 -3.25
CA THR A 30 13.55 19.37 -4.70
C THR A 30 14.68 20.38 -4.90
N TRP A 31 15.61 20.06 -5.79
CA TRP A 31 16.75 20.93 -6.02
C TRP A 31 17.23 20.73 -7.45
N ASP A 32 17.95 21.71 -7.99
CA ASP A 32 18.43 21.59 -9.35
C ASP A 32 19.20 20.30 -9.52
N GLN A 33 18.86 19.59 -10.60
CA GLN A 33 19.50 18.33 -10.93
C GLN A 33 21.01 18.48 -11.03
N LYS A 34 21.73 17.67 -10.27
CA LYS A 34 23.19 17.71 -10.27
C LYS A 34 23.75 16.54 -11.07
N LYS A 35 24.94 16.73 -11.61
CA LYS A 35 25.60 15.71 -12.41
C LYS A 35 26.89 15.21 -11.74
N GLY A 36 27.29 13.99 -12.07
CA GLY A 36 28.50 13.43 -11.51
C GLY A 36 28.35 12.80 -10.14
N PRO A 37 29.48 12.51 -9.47
CA PRO A 37 29.53 11.90 -8.14
C PRO A 37 28.68 12.62 -7.09
N THR A 38 28.71 13.94 -7.12
CA THR A 38 27.98 14.77 -6.17
C THR A 38 26.46 14.53 -6.15
N ALA A 39 25.95 13.92 -7.22
CA ALA A 39 24.51 13.67 -7.33
C ALA A 39 24.00 12.52 -6.48
N VAL A 40 24.88 11.91 -5.70
CA VAL A 40 24.53 10.77 -4.86
C VAL A 40 23.28 10.98 -3.98
N ASN A 41 23.04 12.20 -3.51
CA ASN A 41 21.89 12.45 -2.65
C ASN A 41 20.63 12.74 -3.46
N GLN A 42 20.73 12.61 -4.78
CA GLN A 42 19.60 12.83 -5.67
C GLN A 42 19.36 11.56 -6.48
N LEU A 43 20.07 10.49 -6.15
CA LEU A 43 19.92 9.23 -6.86
C LEU A 43 19.20 8.20 -6.01
N TRP A 44 18.32 7.46 -6.66
CA TRP A 44 17.54 6.44 -6.00
C TRP A 44 17.46 5.15 -6.82
N TYR A 45 17.10 4.06 -6.16
CA TYR A 45 16.93 2.77 -6.81
C TYR A 45 15.70 2.10 -6.19
N THR A 46 15.24 1.01 -6.78
CA THR A 46 14.09 0.30 -6.23
C THR A 46 14.59 -1.06 -5.78
N ASP A 47 14.17 -1.52 -4.61
CA ASP A 47 14.62 -2.82 -4.16
C ASP A 47 13.84 -3.89 -4.94
N GLN A 48 14.09 -5.16 -4.61
CA GLN A 48 13.42 -6.26 -5.30
C GLN A 48 11.92 -6.06 -5.40
N GLN A 49 11.32 -5.56 -4.33
CA GLN A 49 9.88 -5.33 -4.27
C GLN A 49 9.41 -4.10 -5.05
N GLY A 50 10.35 -3.25 -5.45
CA GLY A 50 10.01 -2.05 -6.19
C GLY A 50 9.97 -0.82 -5.30
N VAL A 51 10.26 -1.02 -4.02
CA VAL A 51 10.27 0.06 -3.05
C VAL A 51 11.48 0.97 -3.23
N ILE A 52 11.20 2.28 -3.27
CA ILE A 52 12.23 3.29 -3.45
C ILE A 52 13.20 3.40 -2.29
N ARG A 53 14.48 3.55 -2.63
CA ARG A 53 15.54 3.71 -1.64
C ARG A 53 16.54 4.73 -2.18
N SER A 54 17.26 5.37 -1.27
CA SER A 54 18.28 6.35 -1.65
C SER A 54 19.61 5.65 -1.87
N LYS A 55 20.37 6.11 -2.86
CA LYS A 55 21.67 5.52 -3.14
C LYS A 55 22.67 5.92 -2.06
N LEU A 56 22.40 7.06 -1.42
CA LEU A 56 23.27 7.59 -0.38
C LEU A 56 23.42 6.70 0.85
N ASN A 57 22.33 6.08 1.28
CA ASN A 57 22.37 5.27 2.47
C ASN A 57 21.37 4.12 2.46
N ASP A 58 20.77 3.86 1.30
CA ASP A 58 19.79 2.79 1.18
C ASP A 58 18.53 3.06 2.01
N PHE A 59 18.38 4.29 2.52
CA PHE A 59 17.19 4.60 3.30
C PHE A 59 15.95 4.68 2.42
N ALA A 60 14.79 4.54 3.05
CA ALA A 60 13.53 4.60 2.33
C ALA A 60 12.92 5.99 2.51
N ILE A 61 11.89 6.28 1.73
CA ILE A 61 11.19 7.55 1.83
C ILE A 61 10.20 7.31 2.98
N ASP A 62 10.09 8.27 3.89
CA ASP A 62 9.18 8.15 5.04
C ASP A 62 8.24 9.35 5.18
N ALA A 63 6.95 9.06 5.32
CA ALA A 63 5.95 10.12 5.45
C ALA A 63 5.27 10.10 6.81
N SER A 64 6.03 9.75 7.84
CA SER A 64 5.49 9.67 9.19
C SER A 64 5.32 11.07 9.80
N HIS A 65 6.17 12.00 9.42
CA HIS A 65 6.10 13.36 9.95
C HIS A 65 5.47 14.35 8.98
N GLU A 66 5.54 15.65 9.29
CA GLU A 66 4.93 16.68 8.45
C GLU A 66 5.39 16.68 6.99
N GLN A 67 6.69 16.53 6.77
CA GLN A 67 7.25 16.51 5.42
C GLN A 67 7.99 15.19 5.27
N ILE A 68 8.11 14.68 4.05
CA ILE A 68 8.79 13.40 3.91
C ILE A 68 10.26 13.55 4.24
N GLU A 69 10.84 12.46 4.76
CA GLU A 69 12.24 12.44 5.12
C GLU A 69 12.74 11.01 4.99
N THR A 70 14.05 10.82 5.08
CA THR A 70 14.62 9.49 4.96
C THR A 70 14.59 8.76 6.29
N GLN A 71 14.46 7.45 6.23
CA GLN A 71 14.45 6.59 7.41
C GLN A 71 14.84 5.20 6.94
N PRO A 72 15.46 4.42 7.82
CA PRO A 72 15.84 3.06 7.40
C PRO A 72 14.57 2.29 7.06
N PHE A 73 14.62 1.52 5.98
CA PHE A 73 13.44 0.77 5.58
C PHE A 73 12.94 -0.19 6.66
N ASP A 74 11.63 -0.22 6.83
CA ASP A 74 10.99 -1.10 7.80
C ASP A 74 9.77 -1.70 7.12
N PRO A 75 9.82 -3.01 6.83
CA PRO A 75 8.72 -3.71 6.18
C PRO A 75 7.39 -3.59 6.90
N ASN A 76 7.44 -3.28 8.19
CA ASN A 76 6.22 -3.17 8.99
C ASN A 76 5.69 -1.75 9.15
N ASN A 77 6.34 -0.80 8.50
CA ASN A 77 5.93 0.60 8.57
C ASN A 77 5.38 1.00 7.19
N PRO A 78 4.05 0.96 7.03
CA PRO A 78 3.39 1.31 5.77
C PRO A 78 3.82 2.65 5.18
N LYS A 79 4.27 3.56 6.03
CA LYS A 79 4.68 4.88 5.56
C LYS A 79 6.10 4.94 5.01
N ARG A 80 6.75 3.80 4.89
CA ARG A 80 8.11 3.78 4.36
C ARG A 80 8.23 2.98 3.08
N ALA A 81 7.08 2.57 2.52
CA ALA A 81 7.07 1.79 1.29
C ALA A 81 6.42 2.59 0.16
N TRP A 82 7.26 3.18 -0.68
CA TRP A 82 6.81 3.98 -1.81
C TRP A 82 7.30 3.39 -3.12
N ILE A 83 6.42 3.34 -4.12
CA ILE A 83 6.81 2.77 -5.40
C ILE A 83 6.52 3.73 -6.55
N VAL A 84 7.01 3.37 -7.73
CA VAL A 84 6.80 4.16 -8.93
C VAL A 84 5.64 3.55 -9.68
N SER A 85 4.62 4.36 -9.97
CA SER A 85 3.45 3.90 -10.69
C SER A 85 3.11 4.98 -11.71
N GLY A 86 3.56 4.79 -12.95
CA GLY A 86 3.30 5.78 -13.98
C GLY A 86 4.11 7.02 -13.64
N ASN A 87 3.43 8.15 -13.52
CA ASN A 87 4.10 9.40 -13.18
C ASN A 87 3.83 9.74 -11.72
N THR A 88 3.44 8.74 -10.95
CA THR A 88 3.14 8.97 -9.55
C THR A 88 4.03 8.13 -8.64
N ILE A 89 4.39 8.71 -7.49
CA ILE A 89 5.16 7.98 -6.50
C ILE A 89 4.06 7.71 -5.48
N ALA A 90 3.63 6.46 -5.41
CA ALA A 90 2.52 6.08 -4.55
C ALA A 90 2.87 5.18 -3.39
N GLN A 91 2.05 5.25 -2.35
CA GLN A 91 2.27 4.42 -1.17
C GLN A 91 1.87 3.01 -1.58
N LEU A 92 2.75 2.05 -1.32
CA LEU A 92 2.49 0.67 -1.69
C LEU A 92 1.18 0.14 -1.16
N SER A 93 0.89 0.44 0.09
CA SER A 93 -0.33 -0.05 0.74
C SER A 93 -1.57 0.82 0.52
N ASP A 94 -1.43 1.92 -0.20
CA ASP A 94 -2.57 2.80 -0.47
C ASP A 94 -2.27 3.63 -1.69
N ARG A 95 -2.56 3.09 -2.87
CA ARG A 95 -2.26 3.79 -4.12
C ARG A 95 -2.99 5.13 -4.24
N ASP A 96 -3.95 5.38 -3.37
CA ASP A 96 -4.66 6.66 -3.41
C ASP A 96 -3.86 7.76 -2.71
N ASN A 97 -2.79 7.36 -2.01
CA ASN A 97 -1.93 8.31 -1.28
C ASN A 97 -0.63 8.45 -2.07
N VAL A 98 -0.37 9.65 -2.60
CA VAL A 98 0.81 9.88 -3.42
C VAL A 98 1.60 11.12 -3.04
N LEU A 99 2.89 11.12 -3.37
CA LEU A 99 3.74 12.28 -3.06
C LEU A 99 3.41 13.48 -3.92
N GLY A 100 3.76 14.65 -3.39
CA GLY A 100 3.53 15.88 -4.11
C GLY A 100 4.50 16.94 -3.64
N VAL A 101 4.89 17.82 -4.55
CA VAL A 101 5.81 18.90 -4.23
C VAL A 101 5.03 20.11 -3.74
N ILE A 102 5.53 20.72 -2.66
CA ILE A 102 4.92 21.91 -2.09
C ILE A 102 6.01 22.94 -1.94
N LYS A 103 5.93 24.00 -2.75
CA LYS A 103 6.92 25.05 -2.71
C LYS A 103 6.93 25.73 -1.35
N SER A 104 8.11 26.25 -0.98
CA SER A 104 8.28 26.94 0.28
C SER A 104 7.53 28.25 0.32
N ASP A 105 7.18 28.69 1.52
CA ASP A 105 6.48 29.95 1.74
C ASP A 105 7.49 30.99 2.25
N LYS A 106 8.71 30.55 2.51
CA LYS A 106 9.76 31.45 3.02
C LYS A 106 10.96 31.60 2.08
N GLY A 107 10.81 31.20 0.82
CA GLY A 107 11.91 31.34 -0.12
C GLY A 107 12.92 30.21 -0.12
N ALA A 108 12.62 29.14 0.64
CA ALA A 108 13.51 27.99 0.71
C ALA A 108 13.19 26.97 -0.37
N SER A 109 13.90 25.86 -0.37
CA SER A 109 13.65 24.80 -1.36
C SER A 109 12.30 24.16 -1.06
N ALA A 110 11.66 23.65 -2.10
CA ALA A 110 10.36 23.01 -1.94
C ALA A 110 10.53 21.71 -1.16
N HIS A 111 9.48 21.31 -0.44
CA HIS A 111 9.51 20.07 0.31
C HIS A 111 8.47 19.12 -0.29
N ILE A 112 8.33 17.94 0.30
CA ILE A 112 7.41 16.94 -0.22
C ILE A 112 6.55 16.36 0.88
N CYS A 113 5.30 16.07 0.56
CA CYS A 113 4.42 15.46 1.53
C CYS A 113 3.51 14.53 0.76
N ALA A 114 2.75 13.71 1.48
CA ALA A 114 1.86 12.75 0.82
C ALA A 114 0.39 12.98 1.15
N TRP A 115 -0.43 13.00 0.11
CA TRP A 115 -1.87 13.20 0.29
C TRP A 115 -2.66 12.67 -0.90
N LYS A 116 -3.98 12.69 -0.77
CA LYS A 116 -4.85 12.19 -1.82
C LYS A 116 -4.54 12.71 -3.22
N GLN A 117 -4.52 11.81 -4.19
CA GLN A 117 -4.27 12.17 -5.58
C GLN A 117 -5.28 13.23 -6.03
N HIS A 118 -4.79 14.37 -6.52
CA HIS A 118 -5.67 15.43 -6.99
C HIS A 118 -5.40 15.85 -8.44
N GLY A 119 -4.65 15.02 -9.16
CA GLY A 119 -4.36 15.28 -10.57
C GLY A 119 -3.52 16.47 -11.00
N GLY A 120 -2.99 17.24 -10.06
CA GLY A 120 -2.17 18.38 -10.43
C GLY A 120 -0.73 17.99 -10.77
N PRO A 121 0.03 18.86 -11.44
CA PRO A 121 1.41 18.50 -11.77
C PRO A 121 2.30 18.36 -10.53
N ASN A 122 1.83 18.92 -9.41
CA ASN A 122 2.60 18.85 -8.17
C ASN A 122 2.72 17.42 -7.66
N GLN A 123 1.82 16.54 -8.13
CA GLN A 123 1.86 15.14 -7.73
C GLN A 123 2.28 14.24 -8.89
N LYS A 124 2.92 14.84 -9.90
CA LYS A 124 3.41 14.07 -11.04
C LYS A 124 4.94 14.16 -11.09
N PHE A 125 5.57 13.03 -11.39
CA PHE A 125 7.02 12.94 -11.45
C PHE A 125 7.47 12.15 -12.67
N ILE A 126 8.72 12.35 -13.05
CA ILE A 126 9.30 11.66 -14.19
C ILE A 126 10.58 10.96 -13.74
N ILE A 127 10.69 9.67 -14.04
CA ILE A 127 11.87 8.91 -13.69
C ILE A 127 12.92 9.11 -14.78
N GLU A 128 14.13 9.46 -14.37
CA GLU A 128 15.20 9.72 -15.32
C GLU A 128 16.46 8.94 -14.94
N SER A 129 16.88 8.03 -15.82
CA SER A 129 18.07 7.22 -15.57
C SER A 129 19.26 8.08 -15.16
N GLU A 130 20.20 7.48 -14.45
CA GLU A 130 21.39 8.19 -13.99
C GLU A 130 22.25 8.64 -15.16
N PRO B 1 -3.47 -19.69 17.29
CA PRO B 1 -2.86 -19.27 16.02
C PRO B 1 -2.48 -17.79 16.00
N LYS B 2 -2.04 -17.31 14.85
CA LYS B 2 -1.65 -15.92 14.68
C LYS B 2 -2.75 -15.15 13.96
N PHE B 3 -2.96 -13.91 14.40
CA PHE B 3 -4.00 -13.07 13.81
C PHE B 3 -3.40 -11.94 12.98
N PHE B 4 -4.08 -11.58 11.91
CA PHE B 4 -3.59 -10.53 11.02
C PHE B 4 -4.70 -9.77 10.29
N TYR B 5 -4.34 -8.61 9.75
CA TYR B 5 -5.26 -7.79 8.98
C TYR B 5 -4.94 -8.03 7.51
N ILE B 6 -5.93 -7.81 6.65
CA ILE B 6 -5.73 -7.95 5.22
C ILE B 6 -6.01 -6.57 4.67
N LYS B 7 -4.95 -5.85 4.28
CA LYS B 7 -5.06 -4.49 3.76
C LYS B 7 -5.01 -4.39 2.24
N SER B 8 -6.00 -3.71 1.67
CA SER B 8 -6.07 -3.49 0.23
C SER B 8 -5.07 -2.43 -0.20
N GLU B 9 -4.23 -2.75 -1.18
CA GLU B 9 -3.27 -1.77 -1.65
C GLU B 9 -3.98 -0.69 -2.43
N LEU B 10 -5.16 -1.02 -2.96
CA LEU B 10 -5.92 -0.06 -3.74
C LEU B 10 -6.32 1.20 -2.98
N ASN B 11 -6.86 1.04 -1.77
CA ASN B 11 -7.31 2.18 -0.99
C ASN B 11 -6.75 2.31 0.43
N GLY B 12 -5.89 1.40 0.83
CA GLY B 12 -5.30 1.49 2.16
C GLY B 12 -6.22 1.06 3.28
N LYS B 13 -7.38 0.51 2.94
CA LYS B 13 -8.34 0.04 3.95
C LYS B 13 -8.20 -1.47 4.13
N VAL B 14 -8.77 -2.00 5.21
CA VAL B 14 -8.65 -3.43 5.49
C VAL B 14 -9.97 -4.18 5.37
N LEU B 15 -9.89 -5.48 5.07
CA LEU B 15 -11.09 -6.32 4.99
C LEU B 15 -11.78 -6.16 6.33
N ASP B 16 -13.08 -5.93 6.29
CA ASP B 16 -13.86 -5.67 7.49
C ASP B 16 -15.26 -6.25 7.40
N ILE B 17 -15.72 -6.91 8.46
CA ILE B 17 -17.07 -7.45 8.45
C ILE B 17 -17.99 -6.28 8.73
N GLY B 18 -18.76 -5.87 7.72
CA GLY B 18 -19.65 -4.75 7.87
C GLY B 18 -20.50 -4.76 9.13
N GLY B 19 -20.43 -3.67 9.88
CA GLY B 19 -21.21 -3.55 11.11
C GLY B 19 -20.85 -4.52 12.22
N GLN B 20 -19.69 -5.16 12.13
CA GLN B 20 -19.25 -6.11 13.14
C GLN B 20 -20.26 -7.26 13.28
N ASN B 21 -21.08 -7.45 12.25
CA ASN B 21 -22.11 -8.49 12.23
C ASN B 21 -21.52 -9.88 12.29
N PRO B 22 -21.78 -10.62 13.38
CA PRO B 22 -21.26 -11.99 13.53
C PRO B 22 -22.11 -13.05 12.86
N ALA B 23 -23.26 -12.66 12.34
CA ALA B 23 -24.17 -13.60 11.69
C ALA B 23 -23.66 -14.08 10.33
N PRO B 24 -24.18 -15.23 9.87
CA PRO B 24 -23.75 -15.76 8.57
C PRO B 24 -24.29 -14.87 7.45
N GLY B 25 -23.58 -14.84 6.32
CA GLY B 25 -24.00 -14.03 5.20
C GLY B 25 -23.77 -12.54 5.41
N SER B 26 -22.77 -12.20 6.22
CA SER B 26 -22.47 -10.79 6.47
C SER B 26 -21.49 -10.29 5.42
N LYS B 27 -21.83 -9.19 4.76
CA LYS B 27 -20.96 -8.65 3.72
C LYS B 27 -19.61 -8.21 4.27
N ILE B 28 -18.56 -8.43 3.48
CA ILE B 28 -17.20 -8.04 3.87
C ILE B 28 -16.83 -6.80 3.06
N ILE B 29 -16.49 -5.71 3.75
CA ILE B 29 -16.14 -4.46 3.09
C ILE B 29 -14.70 -4.08 3.43
N THR B 30 -14.26 -2.92 2.95
CA THR B 30 -12.93 -2.41 3.30
C THR B 30 -13.25 -1.23 4.21
N TRP B 31 -12.57 -1.16 5.33
CA TRP B 31 -12.82 -0.08 6.28
C TRP B 31 -11.52 0.35 6.92
N ASP B 32 -11.51 1.55 7.48
CA ASP B 32 -10.33 2.06 8.15
C ASP B 32 -9.89 1.04 9.19
N GLN B 33 -8.58 0.83 9.28
CA GLN B 33 -8.01 -0.12 10.21
C GLN B 33 -8.20 0.34 11.66
N LYS B 34 -8.76 -0.54 12.49
CA LYS B 34 -8.98 -0.25 13.90
C LYS B 34 -7.99 -1.01 14.77
N LYS B 35 -8.02 -0.77 16.08
CA LYS B 35 -7.12 -1.44 17.01
C LYS B 35 -7.87 -1.92 18.25
N GLY B 36 -7.45 -3.06 18.79
CA GLY B 36 -8.08 -3.59 19.99
C GLY B 36 -9.21 -4.59 19.75
N PRO B 37 -10.07 -4.82 20.76
CA PRO B 37 -11.20 -5.73 20.69
C PRO B 37 -12.20 -5.42 19.57
N THR B 38 -12.38 -4.14 19.26
CA THR B 38 -13.30 -3.75 18.20
C THR B 38 -12.74 -4.13 16.84
N ALA B 39 -11.44 -4.39 16.79
CA ALA B 39 -10.76 -4.76 15.55
C ALA B 39 -10.92 -6.25 15.26
N VAL B 40 -11.67 -6.94 16.10
CA VAL B 40 -11.90 -8.37 15.93
C VAL B 40 -12.58 -8.69 14.60
N ASN B 41 -13.36 -7.75 14.08
CA ASN B 41 -14.05 -7.98 12.82
C ASN B 41 -13.17 -7.62 11.63
N GLN B 42 -11.91 -7.29 11.90
CA GLN B 42 -10.96 -6.95 10.85
C GLN B 42 -9.75 -7.89 10.94
N LEU B 43 -9.85 -8.87 11.84
CA LEU B 43 -8.76 -9.81 12.06
C LEU B 43 -9.09 -11.23 11.61
N TRP B 44 -8.09 -11.92 11.08
CA TRP B 44 -8.27 -13.27 10.60
C TRP B 44 -7.07 -14.15 10.96
N TYR B 45 -7.25 -15.45 10.79
CA TYR B 45 -6.20 -16.42 11.04
C TYR B 45 -6.41 -17.54 10.02
N THR B 46 -5.42 -18.40 9.87
CA THR B 46 -5.51 -19.50 8.91
C THR B 46 -5.47 -20.85 9.63
N ASP B 47 -6.36 -21.75 9.24
CA ASP B 47 -6.39 -23.08 9.87
C ASP B 47 -5.28 -23.99 9.36
N GLN B 48 -5.44 -25.29 9.59
CA GLN B 48 -4.44 -26.28 9.18
C GLN B 48 -4.23 -26.39 7.68
N GLN B 49 -5.29 -26.18 6.90
CA GLN B 49 -5.19 -26.26 5.45
C GLN B 49 -4.75 -24.90 4.90
N GLY B 50 -4.64 -23.93 5.79
CA GLY B 50 -4.24 -22.59 5.40
C GLY B 50 -5.42 -21.70 5.06
N VAL B 51 -6.63 -22.24 5.20
CA VAL B 51 -7.84 -21.48 4.90
C VAL B 51 -8.09 -20.34 5.88
N ILE B 52 -8.42 -19.18 5.33
CA ILE B 52 -8.69 -17.98 6.12
C ILE B 52 -9.99 -18.09 6.90
N ARG B 53 -9.97 -17.63 8.14
CA ARG B 53 -11.14 -17.65 9.02
C ARG B 53 -11.20 -16.31 9.76
N SER B 54 -12.40 -15.88 10.14
CA SER B 54 -12.56 -14.63 10.87
C SER B 54 -12.28 -14.85 12.35
N LYS B 55 -11.60 -13.90 12.99
CA LYS B 55 -11.29 -14.03 14.40
C LYS B 55 -12.56 -13.79 15.22
N LEU B 56 -13.60 -13.29 14.57
CA LEU B 56 -14.87 -13.00 15.25
C LEU B 56 -15.75 -14.23 15.48
N ASN B 57 -15.85 -15.10 14.48
CA ASN B 57 -16.71 -16.27 14.59
C ASN B 57 -16.14 -17.49 13.89
N ASP B 58 -14.88 -17.41 13.46
CA ASP B 58 -14.22 -18.51 12.76
C ASP B 58 -14.85 -18.77 11.40
N PHE B 59 -15.63 -17.81 10.91
CA PHE B 59 -16.27 -17.97 9.61
C PHE B 59 -15.25 -17.78 8.49
N ALA B 60 -15.49 -18.47 7.39
CA ALA B 60 -14.63 -18.39 6.22
C ALA B 60 -15.13 -17.30 5.27
N ILE B 61 -14.29 -16.94 4.31
CA ILE B 61 -14.67 -15.96 3.31
C ILE B 61 -15.45 -16.75 2.27
N ASP B 62 -16.59 -16.21 1.84
CA ASP B 62 -17.41 -16.89 0.85
C ASP B 62 -17.60 -16.08 -0.41
N ALA B 63 -17.31 -16.70 -1.56
CA ALA B 63 -17.44 -16.04 -2.85
C ALA B 63 -18.49 -16.74 -3.71
N SER B 64 -19.57 -17.18 -3.08
CA SER B 64 -20.65 -17.86 -3.78
C SER B 64 -21.45 -16.88 -4.62
N HIS B 65 -21.49 -15.63 -4.17
CA HIS B 65 -22.17 -14.55 -4.87
C HIS B 65 -21.04 -13.63 -5.33
N GLU B 66 -21.33 -12.67 -6.19
CA GLU B 66 -20.29 -11.76 -6.65
C GLU B 66 -19.56 -11.08 -5.51
N GLN B 67 -20.33 -10.50 -4.58
CA GLN B 67 -19.72 -9.81 -3.44
C GLN B 67 -19.45 -10.81 -2.31
N ILE B 68 -18.23 -10.79 -1.78
CA ILE B 68 -17.88 -11.73 -0.72
C ILE B 68 -18.58 -11.41 0.59
N GLU B 69 -18.84 -12.45 1.36
CA GLU B 69 -19.51 -12.33 2.65
C GLU B 69 -19.00 -13.47 3.52
N THR B 70 -19.32 -13.42 4.81
CA THR B 70 -18.90 -14.46 5.71
C THR B 70 -19.91 -15.61 5.72
N GLN B 71 -19.40 -16.82 5.92
CA GLN B 71 -20.21 -18.03 5.98
C GLN B 71 -19.41 -19.08 6.74
N PRO B 72 -20.09 -19.94 7.51
CA PRO B 72 -19.37 -20.98 8.24
C PRO B 72 -18.58 -21.79 7.23
N PHE B 73 -17.36 -22.21 7.57
CA PHE B 73 -16.59 -22.99 6.62
C PHE B 73 -17.31 -24.26 6.18
N ASP B 74 -17.11 -24.63 4.92
CA ASP B 74 -17.73 -25.83 4.38
C ASP B 74 -16.75 -26.47 3.40
N PRO B 75 -16.20 -27.63 3.76
CA PRO B 75 -15.24 -28.35 2.90
C PRO B 75 -15.77 -28.68 1.52
N ASN B 76 -17.09 -28.67 1.37
CA ASN B 76 -17.69 -28.98 0.07
C ASN B 76 -17.93 -27.76 -0.80
N ASN B 77 -17.65 -26.57 -0.27
CA ASN B 77 -17.83 -25.35 -1.04
C ASN B 77 -16.44 -24.80 -1.42
N PRO B 78 -16.05 -24.97 -2.69
CA PRO B 78 -14.73 -24.46 -3.13
C PRO B 78 -14.60 -22.95 -2.96
N LYS B 79 -15.74 -22.27 -2.98
CA LYS B 79 -15.77 -20.81 -2.84
C LYS B 79 -15.62 -20.32 -1.40
N ARG B 80 -15.43 -21.23 -0.45
CA ARG B 80 -15.26 -20.84 0.95
C ARG B 80 -13.85 -21.12 1.47
N ALA B 81 -12.97 -21.57 0.59
CA ALA B 81 -11.59 -21.86 0.98
C ALA B 81 -10.65 -20.86 0.32
N TRP B 82 -10.20 -19.88 1.11
CA TRP B 82 -9.29 -18.85 0.62
C TRP B 82 -8.01 -18.85 1.43
N ILE B 83 -6.88 -18.70 0.76
CA ILE B 83 -5.59 -18.72 1.45
C ILE B 83 -4.76 -17.47 1.18
N VAL B 84 -3.74 -17.29 2.01
CA VAL B 84 -2.85 -16.14 1.86
C VAL B 84 -1.63 -16.58 1.06
N SER B 85 -1.36 -15.88 -0.04
CA SER B 85 -0.21 -16.20 -0.88
C SER B 85 0.50 -14.92 -1.29
N GLY B 86 1.51 -14.52 -0.52
CA GLY B 86 2.23 -13.30 -0.81
C GLY B 86 1.34 -12.10 -0.57
N ASN B 87 0.96 -11.43 -1.65
CA ASN B 87 0.09 -10.26 -1.58
C ASN B 87 -1.24 -10.62 -2.23
N THR B 88 -1.51 -11.92 -2.31
CA THR B 88 -2.72 -12.41 -2.95
C THR B 88 -3.59 -13.27 -2.07
N ILE B 89 -4.91 -13.08 -2.16
CA ILE B 89 -5.85 -13.91 -1.41
C ILE B 89 -6.45 -14.74 -2.53
N ALA B 90 -6.01 -15.99 -2.62
CA ALA B 90 -6.45 -16.88 -3.69
C ALA B 90 -7.34 -18.04 -3.24
N GLN B 91 -8.15 -18.53 -4.18
CA GLN B 91 -9.04 -19.66 -3.90
C GLN B 91 -8.15 -20.91 -3.91
N LEU B 92 -8.18 -21.65 -2.81
CA LEU B 92 -7.37 -22.86 -2.66
C LEU B 92 -7.38 -23.80 -3.86
N SER B 93 -8.57 -24.11 -4.37
CA SER B 93 -8.68 -25.02 -5.52
C SER B 93 -8.61 -24.35 -6.89
N ASP B 94 -8.41 -23.03 -6.91
CA ASP B 94 -8.36 -22.29 -8.18
C ASP B 94 -7.49 -21.07 -7.94
N ARG B 95 -6.19 -21.29 -7.82
CA ARG B 95 -5.25 -20.23 -7.54
C ARG B 95 -5.32 -19.00 -8.46
N ASP B 96 -5.83 -19.16 -9.68
CA ASP B 96 -5.95 -18.03 -10.60
C ASP B 96 -7.15 -17.14 -10.27
N ASN B 97 -8.03 -17.64 -9.40
CA ASN B 97 -9.20 -16.87 -8.99
C ASN B 97 -8.85 -16.24 -7.64
N VAL B 98 -8.70 -14.93 -7.64
CA VAL B 98 -8.30 -14.21 -6.44
C VAL B 98 -9.17 -13.01 -6.11
N LEU B 99 -9.11 -12.59 -4.85
CA LEU B 99 -9.89 -11.45 -4.38
C LEU B 99 -9.35 -10.13 -4.90
N GLY B 100 -10.23 -9.16 -4.99
CA GLY B 100 -9.83 -7.85 -5.44
C GLY B 100 -10.83 -6.81 -4.98
N VAL B 101 -10.40 -5.56 -4.95
CA VAL B 101 -11.27 -4.46 -4.54
C VAL B 101 -11.63 -3.60 -5.76
N ILE B 102 -12.85 -3.08 -5.78
CA ILE B 102 -13.28 -2.24 -6.90
C ILE B 102 -13.71 -0.88 -6.37
N LYS B 103 -13.19 0.19 -6.97
CA LYS B 103 -13.56 1.55 -6.53
C LYS B 103 -15.07 1.63 -6.40
N SER B 104 -15.54 2.52 -5.53
CA SER B 104 -16.97 2.69 -5.32
C SER B 104 -17.52 3.76 -6.26
N ASP B 105 -18.85 3.82 -6.36
CA ASP B 105 -19.53 4.80 -7.21
C ASP B 105 -20.50 5.61 -6.37
N LYS B 106 -21.29 4.91 -5.56
CA LYS B 106 -22.28 5.53 -4.69
C LYS B 106 -21.59 6.22 -3.51
N GLY B 107 -20.27 6.25 -3.52
CA GLY B 107 -19.52 6.88 -2.44
C GLY B 107 -19.49 5.99 -1.20
N ALA B 108 -20.19 4.86 -1.26
CA ALA B 108 -20.23 3.94 -0.13
C ALA B 108 -18.98 3.06 -0.16
N SER B 109 -18.69 2.38 0.95
CA SER B 109 -17.52 1.52 1.04
C SER B 109 -17.42 0.60 -0.18
N ALA B 110 -16.27 0.63 -0.84
CA ALA B 110 -16.04 -0.22 -2.01
C ALA B 110 -16.22 -1.67 -1.62
N HIS B 111 -16.56 -2.52 -2.59
CA HIS B 111 -16.77 -3.93 -2.30
C HIS B 111 -15.67 -4.85 -2.83
N ILE B 112 -15.70 -6.10 -2.38
CA ILE B 112 -14.72 -7.10 -2.75
C ILE B 112 -15.35 -8.22 -3.57
N CYS B 113 -14.66 -8.62 -4.63
CA CYS B 113 -15.14 -9.68 -5.49
C CYS B 113 -13.94 -10.57 -5.78
N ALA B 114 -14.20 -11.64 -6.51
CA ALA B 114 -13.15 -12.57 -6.92
C ALA B 114 -13.23 -12.71 -8.44
N TRP B 115 -12.08 -12.66 -9.11
CA TRP B 115 -12.03 -12.82 -10.55
C TRP B 115 -10.61 -13.21 -10.94
N LYS B 116 -10.42 -13.59 -12.19
CA LYS B 116 -9.10 -14.01 -12.66
C LYS B 116 -8.04 -12.95 -12.33
N GLN B 117 -6.91 -13.43 -11.84
CA GLN B 117 -5.80 -12.57 -11.46
C GLN B 117 -5.33 -11.71 -12.64
N HIS B 118 -5.27 -10.39 -12.43
CA HIS B 118 -4.81 -9.43 -13.42
C HIS B 118 -3.59 -8.66 -12.92
N GLY B 119 -3.31 -8.77 -11.64
CA GLY B 119 -2.12 -8.12 -11.09
C GLY B 119 -1.99 -6.61 -10.96
N GLY B 120 -3.08 -5.86 -11.11
CA GLY B 120 -2.97 -4.42 -10.92
C GLY B 120 -3.01 -4.22 -9.41
N PRO B 121 -3.28 -3.02 -8.88
CA PRO B 121 -3.31 -2.90 -7.42
C PRO B 121 -4.61 -3.49 -6.83
N ASN B 122 -5.66 -3.53 -7.65
CA ASN B 122 -6.97 -4.04 -7.22
C ASN B 122 -6.93 -5.38 -6.49
N GLN B 123 -6.16 -6.31 -7.01
CA GLN B 123 -6.07 -7.63 -6.39
C GLN B 123 -4.84 -7.84 -5.51
N LYS B 124 -4.25 -6.74 -5.05
CA LYS B 124 -3.08 -6.81 -4.18
C LYS B 124 -3.40 -6.43 -2.74
N PHE B 125 -2.93 -7.25 -1.81
CA PHE B 125 -3.17 -7.02 -0.40
C PHE B 125 -1.89 -7.16 0.41
N ILE B 126 -1.89 -6.58 1.60
CA ILE B 126 -0.73 -6.65 2.48
C ILE B 126 -1.20 -7.20 3.81
N ILE B 127 -0.53 -8.25 4.29
CA ILE B 127 -0.85 -8.89 5.55
C ILE B 127 -0.10 -8.20 6.68
N GLU B 128 -0.80 -7.89 7.76
CA GLU B 128 -0.19 -7.24 8.92
C GLU B 128 -0.65 -7.91 10.20
N SER B 129 0.31 -8.35 11.01
CA SER B 129 0.01 -9.04 12.27
C SER B 129 -0.79 -8.15 13.23
N GLU B 130 -1.55 -8.80 14.11
CA GLU B 130 -2.36 -8.08 15.08
C GLU B 130 -1.48 -7.25 16.01
S SO4 C . -11.02 15.72 -1.02
O1 SO4 C . -11.71 16.93 -0.54
O2 SO4 C . -9.56 15.89 -0.90
O3 SO4 C . -11.36 15.48 -2.44
O4 SO4 C . -11.46 14.57 -0.21
S SO4 D . 10.91 26.40 -6.39
O1 SO4 D . 10.12 25.52 -5.52
O2 SO4 D . 12.35 26.19 -6.12
O3 SO4 D . 10.57 27.81 -6.13
O4 SO4 D . 10.64 26.07 -7.80
S SO4 E . 8.10 26.22 4.29
O1 SO4 E . 8.31 26.36 5.75
O2 SO4 E . 9.41 26.20 3.62
O3 SO4 E . 7.30 27.36 3.81
O4 SO4 E . 7.38 24.97 4.01
S SO4 F . 1.12 -2.03 -9.74
O1 SO4 F . 1.07 -2.71 -11.04
O2 SO4 F . 0.38 -2.81 -8.73
O3 SO4 F . 0.51 -0.69 -9.87
O4 SO4 F . 2.52 -1.87 -9.29
C1 PGE G . 21.14 20.17 -1.92
O1 PGE G . 20.47 19.49 -0.85
C2 PGE G . 22.63 19.84 -1.83
O2 PGE G . 23.28 20.84 -1.05
C3 PGE G . 24.66 20.49 -1.01
C4 PGE G . 25.44 21.52 -0.19
O4 PGE G . 25.07 21.33 3.85
C6 PGE G . 25.20 22.64 3.29
C5 PGE G . 25.69 22.54 1.85
O3 PGE G . 24.93 21.56 1.14
C1 PGE H . -16.63 -0.99 10.90
O1 PGE H . -16.84 -2.38 11.15
C2 PGE H . -17.94 -0.36 10.43
O2 PGE H . -18.94 -0.53 11.43
C3 PGE H . -20.13 0.08 10.93
C4 PGE H . -21.25 -0.07 11.96
O4 PGE H . -20.65 0.23 16.13
C6 PGE H . -21.59 1.05 15.43
C5 PGE H . -21.94 0.39 14.10
O3 PGE H . -20.86 0.57 13.19
#